data_5C3F
#
_entry.id   5C3F
#
_cell.length_a   80.830
_cell.length_b   37.020
_cell.length_c   56.920
_cell.angle_alpha   90.00
_cell.angle_beta   90.00
_cell.angle_gamma   90.00
#
_symmetry.space_group_name_H-M   'P 21 21 2'
#
loop_
_entity.id
_entity.type
_entity.pdbx_description
1 polymer 'Induced myeloid leukemia cell differentiation protein Mcl-1'
2 polymer BID-MM
3 non-polymer GLYCEROL
4 water water
#
loop_
_entity_poly.entity_id
_entity_poly.type
_entity_poly.pdbx_seq_one_letter_code
_entity_poly.pdbx_strand_id
1 'polypeptide(L)'
;SELYRQSLEIISRYLREQATGAKDTKPMGRSGATSRKALETLRRVGDGVQRNHETAFQGMLRKLDIKNEDDVKSLSRVMI
HVFSDGVTNWGRIVTLISFGAFVAKHLKTINQESCIEPLAESITDVLVRTKRDWLVKQRGWDGFVEFFHVEDLEGG
;
A
2 'polypeptide(L)' (ACE)EDIIRNIARHLA(NLE)VGD(NLE)(NLE)DRSIW B
#
loop_
_chem_comp.id
_chem_comp.type
_chem_comp.name
_chem_comp.formula
ACE non-polymer 'ACETYL GROUP' 'C2 H4 O'
GOL non-polymer GLYCEROL 'C3 H8 O3'
#
# COMPACT_ATOMS: atom_id res chain seq x y z
N SER A 1 16.06 5.38 7.04
CA SER A 1 15.65 5.51 8.43
C SER A 1 15.04 4.22 8.95
N GLU A 2 14.92 4.11 10.27
CA GLU A 2 14.26 2.95 10.84
C GLU A 2 12.81 2.86 10.37
N LEU A 3 12.13 4.01 10.29
CA LEU A 3 10.74 4.00 9.83
C LEU A 3 10.63 3.56 8.39
N TYR A 4 11.55 4.00 7.53
CA TYR A 4 11.58 3.52 6.16
C TYR A 4 11.71 2.00 6.11
N ARG A 5 12.68 1.46 6.86
CA ARG A 5 12.93 0.03 6.77
C ARG A 5 11.78 -0.78 7.36
N GLN A 6 11.16 -0.31 8.43
CA GLN A 6 10.01 -1.02 8.98
C GLN A 6 8.84 -0.97 8.02
N SER A 7 8.58 0.21 7.45
CA SER A 7 7.50 0.33 6.48
C SER A 7 7.75 -0.56 5.27
N LEU A 8 9.00 -0.62 4.79
CA LEU A 8 9.31 -1.46 3.65
C LEU A 8 9.12 -2.94 3.99
N GLU A 9 9.53 -3.35 5.19
CA GLU A 9 9.34 -4.73 5.63
C GLU A 9 7.87 -5.13 5.53
N ILE A 10 6.98 -4.26 6.02
CA ILE A 10 5.55 -4.56 6.01
C ILE A 10 5.02 -4.55 4.58
N ILE A 11 5.32 -3.49 3.84
CA ILE A 11 4.70 -3.31 2.53
C ILE A 11 5.25 -4.31 1.52
N SER A 12 6.56 -4.54 1.51
CA SER A 12 7.14 -5.53 0.62
C SER A 12 6.60 -6.92 0.90
N ARG A 13 6.52 -7.29 2.18
CA ARG A 13 6.00 -8.61 2.50
C ARG A 13 4.55 -8.76 2.05
N TYR A 14 3.73 -7.73 2.29
CA TYR A 14 2.33 -7.82 1.89
C TYR A 14 2.20 -7.94 0.37
N LEU A 15 2.89 -7.07 -0.37
CA LEU A 15 2.79 -7.12 -1.82
C LEU A 15 3.27 -8.46 -2.39
N ARG A 16 4.39 -8.98 -1.88
CA ARG A 16 4.93 -10.22 -2.43
C ARG A 16 4.07 -11.41 -2.06
N GLU A 17 3.55 -11.45 -0.84
CA GLU A 17 2.66 -12.54 -0.42
CA GLU A 17 2.68 -12.56 -0.46
C GLU A 17 1.35 -12.50 -1.20
N GLN A 18 0.82 -11.30 -1.42
CA GLN A 18 -0.39 -11.16 -2.22
C GLN A 18 -0.16 -11.63 -3.65
N ALA A 19 1.00 -11.30 -4.22
CA ALA A 19 1.25 -11.62 -5.61
C ALA A 19 1.53 -13.11 -5.82
N THR A 20 2.25 -13.75 -4.89
CA THR A 20 2.73 -15.12 -5.06
C THR A 20 1.94 -16.14 -4.27
N GLY A 21 1.19 -15.71 -3.25
CA GLY A 21 0.52 -16.62 -2.35
C GLY A 21 1.42 -17.24 -1.30
N ALA A 22 2.69 -16.90 -1.26
CA ALA A 22 3.65 -17.52 -0.35
C ALA A 22 4.02 -16.53 0.75
N LYS A 23 3.86 -16.94 2.00
CA LYS A 23 4.31 -16.12 3.11
CA LYS A 23 4.31 -16.11 3.11
C LYS A 23 5.83 -16.11 3.18
N ASP A 24 6.39 -14.98 3.56
CA ASP A 24 7.83 -14.82 3.78
C ASP A 24 8.09 -15.19 5.23
N THR A 25 8.78 -16.31 5.45
CA THR A 25 9.08 -16.77 6.81
C THR A 25 10.41 -16.25 7.32
N LYS A 26 11.15 -15.47 6.54
CA LYS A 26 12.43 -14.97 7.01
C LYS A 26 12.20 -14.05 8.21
N PRO A 27 13.14 -14.03 9.17
CA PRO A 27 12.96 -13.20 10.36
C PRO A 27 12.87 -11.72 10.01
N MET A 28 12.11 -10.98 10.82
CA MET A 28 11.99 -9.54 10.65
CA MET A 28 11.94 -9.54 10.72
C MET A 28 13.07 -8.81 11.45
N GLY A 29 13.08 -7.49 11.32
CA GLY A 29 13.99 -6.64 12.06
C GLY A 29 13.53 -6.44 13.49
N ARG A 30 14.14 -5.43 14.13
CA ARG A 30 13.95 -5.26 15.57
C ARG A 30 12.53 -4.83 15.94
N SER A 31 11.78 -4.24 15.01
CA SER A 31 10.39 -3.90 15.23
C SER A 31 9.43 -5.00 14.77
N GLY A 32 9.91 -6.24 14.73
CA GLY A 32 9.15 -7.32 14.12
C GLY A 32 7.81 -7.61 14.77
N ALA A 33 7.72 -7.43 16.09
CA ALA A 33 6.45 -7.68 16.78
C ALA A 33 5.34 -6.79 16.21
N THR A 34 5.64 -5.50 16.05
CA THR A 34 4.69 -4.58 15.45
C THR A 34 4.47 -4.91 13.97
N SER A 35 5.55 -5.21 13.24
CA SER A 35 5.41 -5.51 11.82
C SER A 35 4.53 -6.73 11.59
N ARG A 36 4.68 -7.77 12.42
CA ARG A 36 3.82 -8.94 12.28
C ARG A 36 2.36 -8.57 12.46
N LYS A 37 2.06 -7.72 13.44
CA LYS A 37 0.67 -7.32 13.68
C LYS A 37 0.15 -6.45 12.55
N ALA A 38 1.00 -5.56 12.03
CA ALA A 38 0.57 -4.72 10.91
C ALA A 38 0.30 -5.57 9.67
N LEU A 39 1.12 -6.58 9.44
CA LEU A 39 0.88 -7.48 8.30
C LEU A 39 -0.42 -8.22 8.47
N GLU A 40 -0.71 -8.70 9.68
CA GLU A 40 -1.98 -9.36 9.93
C GLU A 40 -3.15 -8.42 9.71
N THR A 41 -3.00 -7.15 10.11
CA THR A 41 -4.03 -6.17 9.84
C THR A 41 -4.23 -5.95 8.35
N LEU A 42 -3.15 -5.85 7.59
CA LEU A 42 -3.26 -5.67 6.14
C LEU A 42 -3.96 -6.84 5.47
N ARG A 43 -3.65 -8.07 5.90
CA ARG A 43 -4.32 -9.22 5.33
C ARG A 43 -5.83 -9.13 5.49
N ARG A 44 -6.29 -8.59 6.62
CA ARG A 44 -7.72 -8.43 6.83
C ARG A 44 -8.26 -7.24 6.04
N VAL A 45 -7.72 -6.05 6.32
CA VAL A 45 -8.28 -4.83 5.78
C VAL A 45 -7.93 -4.68 4.30
N GLY A 46 -6.68 -4.97 3.93
CA GLY A 46 -6.26 -4.77 2.56
C GLY A 46 -6.88 -5.78 1.60
N ASP A 47 -7.01 -7.03 2.02
CA ASP A 47 -7.70 -8.00 1.19
C ASP A 47 -9.13 -7.57 0.96
N GLY A 48 -9.76 -7.01 1.99
CA GLY A 48 -11.12 -6.52 1.84
C GLY A 48 -11.23 -5.38 0.84
N VAL A 49 -10.31 -4.42 0.90
CA VAL A 49 -10.35 -3.30 -0.02
C VAL A 49 -10.27 -3.78 -1.46
N GLN A 50 -9.34 -4.71 -1.73
CA GLN A 50 -9.14 -5.17 -3.10
C GLN A 50 -10.36 -5.90 -3.64
N ARG A 51 -11.00 -6.72 -2.81
CA ARG A 51 -12.17 -7.44 -3.26
C ARG A 51 -13.36 -6.51 -3.40
N ASN A 52 -13.59 -5.64 -2.41
CA ASN A 52 -14.75 -4.76 -2.44
C ASN A 52 -14.67 -3.73 -3.57
N HIS A 53 -13.47 -3.42 -4.04
CA HIS A 53 -13.28 -2.40 -5.07
C HIS A 53 -12.59 -2.99 -6.30
N GLU A 54 -12.77 -4.29 -6.52
CA GLU A 54 -12.07 -4.98 -7.59
C GLU A 54 -12.37 -4.37 -8.96
N THR A 55 -13.65 -4.11 -9.24
CA THR A 55 -14.01 -3.55 -10.54
C THR A 55 -13.34 -2.20 -10.77
N ALA A 56 -13.38 -1.33 -9.76
CA ALA A 56 -12.71 -0.04 -9.88
C ALA A 56 -11.20 -0.21 -10.04
N PHE A 57 -10.60 -1.09 -9.24
CA PHE A 57 -9.16 -1.30 -9.32
C PHE A 57 -8.76 -1.83 -10.69
N GLN A 58 -9.56 -2.73 -11.26
CA GLN A 58 -9.29 -3.24 -12.60
C GLN A 58 -9.28 -2.12 -13.63
N GLY A 59 -10.25 -1.21 -13.53
CA GLY A 59 -10.30 -0.09 -14.47
C GLY A 59 -9.13 0.85 -14.31
N MET A 60 -8.73 1.14 -13.06
CA MET A 60 -7.55 1.96 -12.84
C MET A 60 -6.32 1.29 -13.43
N LEU A 61 -6.16 0.00 -13.19
CA LEU A 61 -5.00 -0.71 -13.70
C LEU A 61 -4.95 -0.64 -15.22
N ARG A 62 -6.10 -0.86 -15.88
CA ARG A 62 -6.16 -0.78 -17.34
C ARG A 62 -5.71 0.59 -17.83
N LYS A 63 -6.16 1.65 -17.18
CA LYS A 63 -5.81 3.01 -17.62
C LYS A 63 -4.32 3.29 -17.42
N LEU A 64 -3.69 2.67 -16.44
CA LEU A 64 -2.28 2.89 -16.19
C LEU A 64 -1.38 2.10 -17.14
N ASP A 65 -1.87 1.00 -17.70
CA ASP A 65 -1.16 0.20 -18.70
C ASP A 65 0.27 -0.13 -18.24
N ILE A 66 0.35 -0.86 -17.13
CA ILE A 66 1.62 -1.17 -16.49
C ILE A 66 2.21 -2.40 -17.16
N LYS A 67 3.41 -2.25 -17.73
CA LYS A 67 4.06 -3.30 -18.49
C LYS A 67 5.47 -3.64 -17.99
N ASN A 68 6.16 -2.71 -17.35
CA ASN A 68 7.55 -2.93 -16.99
C ASN A 68 7.93 -1.98 -15.87
N GLU A 69 9.20 -2.03 -15.46
CA GLU A 69 9.64 -1.25 -14.33
C GLU A 69 9.55 0.25 -14.59
N ASP A 70 9.62 0.68 -15.86
CA ASP A 70 9.46 2.09 -16.18
C ASP A 70 8.07 2.61 -15.85
N ASP A 71 7.08 1.73 -15.72
CA ASP A 71 5.72 2.15 -15.41
C ASP A 71 5.42 2.10 -13.92
N VAL A 72 6.25 1.41 -13.13
CA VAL A 72 6.06 1.34 -11.68
C VAL A 72 5.97 2.73 -11.08
N LYS A 73 6.62 3.72 -11.72
CA LYS A 73 6.63 5.08 -11.20
C LYS A 73 5.22 5.67 -11.10
N SER A 74 4.30 5.25 -11.97
CA SER A 74 2.99 5.88 -12.01
C SER A 74 2.26 5.75 -10.68
N LEU A 75 2.49 4.67 -9.93
CA LEU A 75 1.83 4.51 -8.64
C LEU A 75 2.29 5.57 -7.66
N SER A 76 3.58 5.90 -7.66
CA SER A 76 4.08 6.96 -6.79
C SER A 76 3.40 8.28 -7.13
N ARG A 77 3.15 8.54 -8.42
CA ARG A 77 2.47 9.76 -8.81
C ARG A 77 1.01 9.75 -8.36
N VAL A 78 0.35 8.61 -8.46
CA VAL A 78 -1.02 8.50 -7.92
C VAL A 78 -1.03 8.87 -6.44
N MET A 79 -0.07 8.34 -5.67
CA MET A 79 -0.04 8.60 -4.23
C MET A 79 0.15 10.08 -3.95
N ILE A 80 1.07 10.72 -4.66
CA ILE A 80 1.29 12.15 -4.47
C ILE A 80 0.01 12.93 -4.74
N HIS A 81 -0.74 12.53 -5.77
CA HIS A 81 -1.98 13.24 -6.08
C HIS A 81 -3.05 12.97 -5.03
N VAL A 82 -3.11 11.75 -4.49
CA VAL A 82 -4.08 11.48 -3.41
C VAL A 82 -3.87 12.44 -2.26
N PHE A 83 -2.62 12.66 -1.86
CA PHE A 83 -2.33 13.51 -0.71
C PHE A 83 -2.33 15.00 -1.05
N SER A 84 -2.58 15.37 -2.31
CA SER A 84 -2.44 16.77 -2.69
C SER A 84 -3.50 17.69 -2.09
N ASP A 85 -4.60 17.14 -1.55
CA ASP A 85 -5.58 17.98 -0.87
C ASP A 85 -5.22 18.25 0.59
N GLY A 86 -4.04 17.81 1.04
CA GLY A 86 -3.60 18.07 2.40
C GLY A 86 -4.17 17.14 3.45
N VAL A 87 -4.94 16.14 3.06
CA VAL A 87 -5.59 15.22 3.98
C VAL A 87 -4.79 13.93 4.04
N THR A 88 -4.52 13.46 5.26
CA THR A 88 -3.86 12.19 5.48
C THR A 88 -4.68 11.42 6.50
N ASN A 89 -4.97 10.15 6.21
CA ASN A 89 -5.60 9.27 7.17
C ASN A 89 -5.24 7.83 6.85
N TRP A 90 -5.49 6.94 7.80
CA TRP A 90 -5.12 5.55 7.60
C TRP A 90 -5.94 4.89 6.50
N GLY A 91 -7.18 5.33 6.29
CA GLY A 91 -7.99 4.76 5.22
C GLY A 91 -7.36 4.97 3.86
N ARG A 92 -6.87 6.19 3.60
CA ARG A 92 -6.17 6.45 2.34
C ARG A 92 -4.89 5.65 2.23
N ILE A 93 -4.13 5.57 3.32
CA ILE A 93 -2.85 4.86 3.29
C ILE A 93 -3.08 3.38 3.00
N VAL A 94 -4.06 2.77 3.66
CA VAL A 94 -4.28 1.34 3.44
C VAL A 94 -4.86 1.10 2.05
N THR A 95 -5.64 2.05 1.53
CA THR A 95 -6.18 1.92 0.19
C THR A 95 -5.07 1.97 -0.85
N LEU A 96 -4.08 2.84 -0.65
CA LEU A 96 -2.95 2.91 -1.57
C LEU A 96 -2.09 1.65 -1.50
N ILE A 97 -1.86 1.12 -0.30
CA ILE A 97 -1.11 -0.13 -0.19
C ILE A 97 -1.88 -1.27 -0.84
N SER A 98 -3.21 -1.29 -0.64
CA SER A 98 -4.04 -2.34 -1.23
C SER A 98 -4.03 -2.26 -2.75
N PHE A 99 -4.09 -1.06 -3.31
CA PHE A 99 -3.95 -0.95 -4.76
C PHE A 99 -2.56 -1.39 -5.19
N GLY A 100 -1.54 -1.08 -4.38
CA GLY A 100 -0.21 -1.59 -4.65
C GLY A 100 -0.17 -3.11 -4.73
N ALA A 101 -0.86 -3.78 -3.80
CA ALA A 101 -0.94 -5.24 -3.84
C ALA A 101 -1.67 -5.71 -5.10
N PHE A 102 -2.72 -5.01 -5.50
CA PHE A 102 -3.43 -5.36 -6.71
C PHE A 102 -2.51 -5.24 -7.93
N VAL A 103 -1.71 -4.18 -7.99
CA VAL A 103 -0.74 -4.04 -9.06
C VAL A 103 0.34 -5.12 -8.97
N ALA A 104 0.78 -5.46 -7.76
CA ALA A 104 1.78 -6.51 -7.60
C ALA A 104 1.27 -7.82 -8.16
N LYS A 105 -0.01 -8.16 -7.90
CA LYS A 105 -0.58 -9.37 -8.47
C LYS A 105 -0.52 -9.33 -9.99
N HIS A 106 -0.86 -8.18 -10.57
CA HIS A 106 -0.77 -8.00 -12.02
C HIS A 106 0.66 -8.21 -12.51
N LEU A 107 1.64 -7.65 -11.81
CA LEU A 107 3.03 -7.80 -12.24
C LEU A 107 3.45 -9.27 -12.23
N LYS A 108 3.03 -10.03 -11.22
CA LYS A 108 3.31 -11.46 -11.22
C LYS A 108 2.62 -12.14 -12.41
N THR A 109 1.36 -11.77 -12.66
CA THR A 109 0.61 -12.40 -13.74
C THR A 109 1.27 -12.18 -15.09
N ILE A 110 1.86 -11.00 -15.32
CA ILE A 110 2.48 -10.70 -16.60
C ILE A 110 3.96 -11.08 -16.62
N ASN A 111 4.38 -11.87 -15.62
CA ASN A 111 5.75 -12.37 -15.55
C ASN A 111 6.76 -11.22 -15.51
N GLN A 112 6.42 -10.20 -14.72
CA GLN A 112 7.29 -9.10 -14.35
C GLN A 112 7.45 -9.06 -12.83
N GLU A 113 7.65 -10.24 -12.23
CA GLU A 113 7.76 -10.35 -10.78
C GLU A 113 8.92 -9.50 -10.25
N SER A 114 9.97 -9.33 -11.04
CA SER A 114 11.11 -8.52 -10.61
C SER A 114 10.74 -7.07 -10.34
N CYS A 115 9.56 -6.62 -10.79
CA CYS A 115 9.12 -5.24 -10.55
C CYS A 115 8.44 -5.04 -9.21
N ILE A 116 8.13 -6.12 -8.49
CA ILE A 116 7.33 -5.99 -7.27
C ILE A 116 8.12 -5.28 -6.17
N GLU A 117 9.37 -5.69 -5.92
CA GLU A 117 10.14 -5.02 -4.88
C GLU A 117 10.35 -3.55 -5.21
N PRO A 118 10.71 -3.17 -6.44
CA PRO A 118 10.75 -1.74 -6.77
C PRO A 118 9.44 -1.01 -6.51
N LEU A 119 8.31 -1.66 -6.78
CA LEU A 119 7.02 -1.05 -6.49
C LEU A 119 6.84 -0.84 -4.99
N ALA A 120 7.13 -1.88 -4.19
CA ALA A 120 6.99 -1.76 -2.74
C ALA A 120 7.87 -0.64 -2.20
N GLU A 121 9.10 -0.54 -2.69
CA GLU A 121 9.98 0.50 -2.19
C GLU A 121 9.54 1.88 -2.67
N SER A 122 8.98 1.97 -3.87
CA SER A 122 8.46 3.26 -4.34
C SER A 122 7.31 3.73 -3.47
N ILE A 123 6.38 2.83 -3.13
CA ILE A 123 5.27 3.18 -2.25
C ILE A 123 5.80 3.60 -0.89
N THR A 124 6.72 2.82 -0.33
CA THR A 124 7.30 3.15 0.96
C THR A 124 7.94 4.52 0.95
N ASP A 125 8.68 4.82 -0.12
CA ASP A 125 9.38 6.11 -0.20
C ASP A 125 8.40 7.27 -0.16
N VAL A 126 7.35 7.24 -0.96
CA VAL A 126 6.37 8.33 -0.95
C VAL A 126 5.79 8.49 0.45
N LEU A 127 5.37 7.38 1.05
CA LEU A 127 4.75 7.43 2.37
CA LEU A 127 4.75 7.43 2.37
C LEU A 127 5.70 8.03 3.41
N VAL A 128 6.91 7.48 3.51
CA VAL A 128 7.80 7.88 4.58
C VAL A 128 8.43 9.24 4.30
N ARG A 129 8.83 9.49 3.05
CA ARG A 129 9.49 10.76 2.74
C ARG A 129 8.54 11.93 2.95
N THR A 130 7.28 11.78 2.55
CA THR A 130 6.34 12.91 2.55
C THR A 130 5.41 12.95 3.74
N LYS A 131 5.22 11.82 4.46
CA LYS A 131 4.30 11.78 5.61
C LYS A 131 4.98 11.38 6.91
N ARG A 132 6.31 11.48 7.00
CA ARG A 132 7.02 11.05 8.20
C ARG A 132 6.41 11.67 9.46
N ASP A 133 6.22 12.99 9.46
CA ASP A 133 5.77 13.66 10.67
C ASP A 133 4.38 13.18 11.08
N TRP A 134 3.49 12.99 10.11
CA TRP A 134 2.16 12.48 10.41
C TRP A 134 2.24 11.07 10.97
N LEU A 135 3.04 10.20 10.34
CA LEU A 135 3.18 8.83 10.80
C LEU A 135 3.68 8.78 12.24
N VAL A 136 4.69 9.59 12.57
CA VAL A 136 5.23 9.61 13.92
C VAL A 136 4.18 10.07 14.91
N LYS A 137 3.47 11.16 14.58
CA LYS A 137 2.42 11.66 15.47
C LYS A 137 1.36 10.59 15.73
N GLN A 138 1.05 9.78 14.72
CA GLN A 138 0.07 8.72 14.85
C GLN A 138 0.62 7.45 15.48
N ARG A 139 1.86 7.50 15.99
CA ARG A 139 2.53 6.34 16.59
C ARG A 139 2.82 5.25 15.57
N GLY A 140 3.02 5.64 14.32
CA GLY A 140 3.55 4.72 13.32
C GLY A 140 2.67 3.51 13.12
N TRP A 141 3.32 2.36 12.94
CA TRP A 141 2.61 1.14 12.64
C TRP A 141 1.86 0.59 13.84
N ASP A 142 2.25 0.95 15.06
CA ASP A 142 1.42 0.62 16.21
C ASP A 142 0.08 1.34 16.15
N GLY A 143 0.09 2.60 15.71
CA GLY A 143 -1.17 3.32 15.54
C GLY A 143 -2.04 2.72 14.45
N PHE A 144 -1.40 2.27 13.36
CA PHE A 144 -2.13 1.61 12.28
C PHE A 144 -2.87 0.39 12.80
N VAL A 145 -2.17 -0.45 13.56
CA VAL A 145 -2.80 -1.66 14.12
C VAL A 145 -3.96 -1.28 15.04
N GLU A 146 -3.75 -0.27 15.89
CA GLU A 146 -4.80 0.12 16.83
C GLU A 146 -6.02 0.68 16.11
N PHE A 147 -5.79 1.46 15.05
CA PHE A 147 -6.89 2.09 14.34
C PHE A 147 -7.84 1.06 13.73
N PHE A 148 -7.29 -0.04 13.19
CA PHE A 148 -8.07 -1.04 12.47
C PHE A 148 -8.45 -2.23 13.34
N HIS A 149 -8.15 -2.19 14.64
CA HIS A 149 -8.53 -3.26 15.54
C HIS A 149 -10.04 -3.30 15.73
N VAL A 150 -10.61 -4.50 15.72
CA VAL A 150 -12.04 -4.69 15.94
C VAL A 150 -12.25 -5.47 17.23
N GLU A 151 -13.06 -4.90 18.13
CA GLU A 151 -13.54 -5.62 19.31
C GLU A 151 -12.45 -5.82 20.35
C ACE B 1 -0.79 15.27 -17.33
O ACE B 1 -0.27 15.62 -18.39
CH3 ACE B 1 -1.26 16.30 -16.34
N GLU B 2 -0.82 13.99 -16.96
CA GLU B 2 -1.25 13.35 -15.71
C GLU B 2 -2.76 13.40 -15.43
N ASP B 3 -3.55 13.55 -16.50
CA ASP B 3 -5.01 13.55 -16.36
C ASP B 3 -5.52 12.23 -15.82
N ILE B 4 -5.03 11.12 -16.38
CA ILE B 4 -5.45 9.78 -15.93
C ILE B 4 -5.06 9.57 -14.46
N ILE B 5 -3.83 9.91 -14.13
CA ILE B 5 -3.34 9.71 -12.76
C ILE B 5 -4.17 10.51 -11.77
N ARG B 6 -4.51 11.75 -12.13
CA ARG B 6 -5.28 12.59 -11.22
C ARG B 6 -6.67 12.01 -10.96
N ASN B 7 -7.32 11.45 -12.00
CA ASN B 7 -8.65 10.91 -11.79
C ASN B 7 -8.60 9.63 -10.94
N ILE B 8 -7.62 8.77 -11.19
CA ILE B 8 -7.43 7.60 -10.36
C ILE B 8 -7.25 8.00 -8.90
N ALA B 9 -6.45 9.04 -8.66
CA ALA B 9 -6.17 9.48 -7.29
C ALA B 9 -7.43 9.98 -6.60
N ARG B 10 -8.27 10.71 -7.32
CA ARG B 10 -9.52 11.19 -6.72
C ARG B 10 -10.41 10.03 -6.31
N HIS B 11 -10.45 8.99 -7.14
CA HIS B 11 -11.25 7.80 -6.85
C HIS B 11 -10.71 7.08 -5.61
N LEU B 12 -9.38 6.87 -5.56
CA LEU B 12 -8.79 6.20 -4.41
C LEU B 12 -8.92 7.02 -3.14
N ALA B 13 -8.86 8.34 -3.24
CA ALA B 13 -9.03 9.19 -2.07
C ALA B 13 -10.43 9.01 -1.49
N NLE B 14 -11.44 8.91 -2.35
CA NLE B 14 -12.78 8.75 -1.91
C NLE B 14 -12.95 7.40 -1.23
O NLE B 14 -13.53 7.34 -0.12
CB NLE B 14 -13.74 8.86 -3.09
CG NLE B 14 -15.18 8.95 -2.63
CD NLE B 14 -15.83 7.58 -2.68
CE NLE B 14 -17.27 7.70 -2.22
HA NLE B 14 -12.99 9.46 -1.27
HB2 NLE B 14 -13.63 8.07 -3.67
HB3 NLE B 14 -13.51 9.66 -3.60
HG2 NLE B 14 -15.67 9.57 -3.20
HG3 NLE B 14 -15.20 9.27 -1.71
HD2 NLE B 14 -15.35 6.96 -2.10
HD3 NLE B 14 -15.81 7.25 -3.60
HE1 NLE B 14 -17.81 8.09 -2.92
N VAL B 15 -12.46 6.32 -1.86
CA VAL B 15 -12.50 4.99 -1.25
C VAL B 15 -11.83 5.01 0.12
N GLY B 16 -10.66 5.64 0.19
CA GLY B 16 -9.92 5.69 1.45
C GLY B 16 -10.64 6.49 2.52
N ASP B 17 -11.26 7.60 2.14
CA ASP B 17 -12.01 8.40 3.10
C ASP B 17 -13.28 7.71 3.59
N NLE B 18 -13.92 6.97 2.75
CA NLE B 18 -15.08 6.24 3.14
C NLE B 18 -14.69 5.14 4.10
O NLE B 18 -15.43 4.87 5.09
CB NLE B 18 -15.76 5.64 1.94
CG NLE B 18 -16.60 6.69 1.24
CD NLE B 18 -17.06 6.12 -0.08
CE NLE B 18 -17.74 7.21 -0.88
HA NLE B 18 -15.70 6.86 3.59
HB2 NLE B 18 -16.33 4.90 2.22
HB3 NLE B 18 -15.07 5.30 1.32
HG2 NLE B 18 -16.07 7.49 1.09
HG3 NLE B 18 -17.38 6.90 1.80
HD2 NLE B 18 -17.70 5.40 0.08
HD3 NLE B 18 -16.29 5.78 -0.58
HE1 NLE B 18 -18.57 7.49 -0.44
N NLE B 19 -13.60 4.53 3.86
CA NLE B 19 -13.11 3.51 4.73
C NLE B 19 -12.77 4.13 6.08
O NLE B 19 -13.14 3.57 7.15
CB NLE B 19 -11.91 2.90 4.09
CG NLE B 19 -11.31 1.86 5.00
CD NLE B 19 -10.35 1.05 4.15
CE NLE B 19 -9.61 0.13 5.07
HA NLE B 19 -13.81 2.83 4.85
HB2 NLE B 19 -11.24 3.60 3.92
HB3 NLE B 19 -12.17 2.48 3.25
HG2 NLE B 19 -12.02 1.27 5.35
HG3 NLE B 19 -10.83 2.28 5.73
HD2 NLE B 19 -9.73 1.64 3.70
HD3 NLE B 19 -10.86 0.53 3.49
HE1 NLE B 19 -9.04 -0.47 4.54
HE2 NLE B 19 -10.24 -0.40 5.59
HE3 NLE B 19 -9.05 0.67 5.68
N ASP B 20 -12.08 5.24 6.06
CA ASP B 20 -11.67 5.90 7.29
C ASP B 20 -12.90 6.31 8.11
N ARG B 21 -13.91 6.86 7.42
CA ARG B 21 -15.17 7.22 8.07
C ARG B 21 -15.74 6.06 8.87
N SER B 22 -15.80 4.88 8.26
CA SER B 22 -16.45 3.74 8.90
C SER B 22 -15.69 3.28 10.13
N ILE B 23 -14.39 3.53 10.17
CA ILE B 23 -13.58 3.21 11.34
C ILE B 23 -13.49 4.44 12.25
C1 GOL C . 10.54 -13.84 -2.98
O1 GOL C . 10.83 -13.13 -1.79
C2 GOL C . 9.18 -14.51 -2.85
O2 GOL C . 8.19 -13.52 -2.75
C3 GOL C . 8.94 -15.40 -4.06
O3 GOL C . 7.92 -16.32 -3.78
H11 GOL C . 11.31 -14.59 -3.15
H12 GOL C . 10.54 -13.16 -3.82
HO1 GOL C . 11.75 -12.76 -1.85
H2 GOL C . 9.18 -15.13 -1.95
HO2 GOL C . 8.20 -12.98 -3.56
H31 GOL C . 9.86 -15.93 -4.32
H32 GOL C . 8.65 -14.78 -4.92
HO3 GOL C . 8.22 -16.95 -3.08
#